data_7KOB
#
_entry.id   7KOB
#
_cell.length_a   32.780
_cell.length_b   70.890
_cell.length_c   171.410
_cell.angle_alpha   90.000
_cell.angle_beta   90.000
_cell.angle_gamma   90.000
#
_symmetry.space_group_name_H-M   'P 21 2 21'
#
loop_
_entity.id
_entity.type
_entity.pdbx_description
1 polymer 'Antigen 43b'
2 non-polymer GLYCEROL
3 water water
#
_entity_poly.entity_id   1
_entity_poly.type   'polypeptide(L)'
_entity_poly.pdbx_seq_one_letter_code
;SNAADSVVPAGETVNGGTLINHDRQFVSGTADGMTVSTGLELGADSDNNTGGQQIARGGTARNTRVTANGLQDVMAGGST
SDTVISTGGGQNLRGKASGTVLNDGDQWIHAGGRASGTVINQDGYQTIKHGGLVTGTIVNTGAEGGPDSENVSTGQMVGG
IAESTTINKNGRQVIWSSGIARDTLIYTGGDQTVHGEAHNTRLEGGNQYVHKYGLALNTVINEGGWQVVKAGGTAGNTTI
NQNGELRVHAGGEASDVTQNTGGALVTSTAATVTGTNRLGAFSVVEGKADNVVLENGGRLDVLSGHTATRTLVDDGGTLD
VRNGGTATAVSMGNGGVLLADSGAAVSGTRSDGTAFRIGGGQADALM
;
_entity_poly.pdbx_strand_id   A
#
loop_
_chem_comp.id
_chem_comp.type
_chem_comp.name
_chem_comp.formula
GOL non-polymer GLYCEROL 'C3 H8 O3'
#
# COMPACT_ATOMS: atom_id res chain seq x y z
N ALA A 3 40.02 13.91 -0.15
CA ALA A 3 41.34 14.35 -0.56
C ALA A 3 42.04 13.23 -1.32
N ALA A 4 41.87 11.99 -0.87
CA ALA A 4 42.58 10.85 -1.45
C ALA A 4 41.63 9.98 -2.27
N ASP A 5 42.21 9.34 -3.29
CA ASP A 5 41.46 8.83 -4.43
C ASP A 5 42.11 7.53 -4.87
N SER A 6 41.26 6.55 -5.17
CA SER A 6 41.79 5.26 -5.58
C SER A 6 40.90 4.64 -6.65
N VAL A 7 41.51 3.78 -7.47
CA VAL A 7 40.83 3.16 -8.60
C VAL A 7 41.04 1.65 -8.51
N VAL A 8 39.96 0.90 -8.72
CA VAL A 8 40.06 -0.56 -8.79
C VAL A 8 39.86 -0.96 -10.24
N PRO A 9 40.92 -1.25 -10.98
CA PRO A 9 40.76 -1.51 -12.42
C PRO A 9 39.99 -2.78 -12.67
N ALA A 10 39.47 -2.89 -13.89
CA ALA A 10 38.73 -4.08 -14.28
C ALA A 10 39.59 -5.32 -14.07
N GLY A 11 38.98 -6.37 -13.53
CA GLY A 11 39.70 -7.61 -13.27
C GLY A 11 40.51 -7.64 -12.01
N GLU A 12 40.66 -6.51 -11.31
CA GLU A 12 41.30 -6.44 -10.02
C GLU A 12 40.25 -6.53 -8.91
N THR A 13 40.71 -6.95 -7.72
CA THR A 13 39.82 -7.10 -6.58
C THR A 13 40.49 -6.49 -5.35
N VAL A 14 39.74 -5.69 -4.61
CA VAL A 14 40.24 -5.04 -3.40
C VAL A 14 39.34 -5.46 -2.24
N ASN A 15 39.96 -5.93 -1.15
CA ASN A 15 39.24 -6.41 0.02
C ASN A 15 39.42 -5.42 1.17
N GLY A 16 38.33 -5.07 1.83
CA GLY A 16 38.42 -4.23 3.00
C GLY A 16 38.68 -2.78 2.64
N GLY A 17 39.10 -2.03 3.64
CA GLY A 17 39.31 -0.61 3.48
C GLY A 17 38.17 0.21 4.07
N THR A 18 38.47 1.48 4.31
CA THR A 18 37.50 2.46 4.79
C THR A 18 37.65 3.73 3.96
N LEU A 19 36.51 4.35 3.65
CA LEU A 19 36.47 5.64 2.97
C LEU A 19 35.94 6.69 3.95
N ILE A 20 36.78 7.66 4.31
CA ILE A 20 36.43 8.77 5.18
C ILE A 20 36.94 10.06 4.55
N ASN A 21 36.46 11.19 5.10
CA ASN A 21 36.96 12.52 4.77
C ASN A 21 37.02 12.74 3.27
N HIS A 22 35.93 12.40 2.60
CA HIS A 22 35.66 12.69 1.19
C HIS A 22 36.54 11.90 0.23
N ASP A 23 37.22 10.87 0.72
CA ASP A 23 37.96 10.00 -0.19
C ASP A 23 37.00 9.29 -1.14
N ARG A 24 37.53 8.87 -2.29
CA ARG A 24 36.73 8.27 -3.36
C ARG A 24 37.38 6.98 -3.85
N GLN A 25 36.54 5.96 -4.08
CA GLN A 25 36.96 4.70 -4.68
C GLN A 25 36.15 4.49 -5.96
N PHE A 26 36.86 4.45 -7.09
CA PHE A 26 36.26 4.27 -8.41
C PHE A 26 36.42 2.80 -8.81
N VAL A 27 35.34 2.04 -8.76
CA VAL A 27 35.41 0.59 -8.86
C VAL A 27 34.98 0.17 -10.27
N SER A 28 35.97 -0.23 -11.09
CA SER A 28 35.71 -0.94 -12.34
C SER A 28 35.92 -2.45 -12.22
N GLY A 29 36.64 -2.90 -11.19
CA GLY A 29 36.80 -4.32 -10.91
C GLY A 29 35.79 -4.78 -9.87
N THR A 30 36.29 -5.30 -8.75
CA THR A 30 35.46 -5.79 -7.66
C THR A 30 36.01 -5.26 -6.34
N ALA A 31 35.13 -4.75 -5.49
CA ALA A 31 35.48 -4.27 -4.16
C ALA A 31 34.63 -5.04 -3.15
N ASP A 32 35.29 -5.83 -2.29
CA ASP A 32 34.57 -6.64 -1.30
C ASP A 32 34.84 -6.13 0.10
N GLY A 33 33.78 -5.82 0.83
CA GLY A 33 33.90 -5.50 2.24
C GLY A 33 34.41 -4.11 2.56
N MET A 34 34.37 -3.19 1.61
CA MET A 34 34.67 -1.79 1.90
C MET A 34 33.68 -1.24 2.92
N THR A 35 34.17 -0.38 3.81
CA THR A 35 33.30 0.40 4.69
C THR A 35 33.30 1.84 4.17
N VAL A 36 32.12 2.32 3.78
CA VAL A 36 31.95 3.61 3.13
C VAL A 36 31.32 4.55 4.15
N SER A 37 32.09 5.55 4.58
CA SER A 37 31.64 6.48 5.60
C SER A 37 31.77 7.92 5.16
N THR A 38 31.73 8.16 3.85
CA THR A 38 31.83 9.52 3.34
C THR A 38 31.12 9.61 1.99
N GLY A 39 30.82 10.83 1.57
CA GLY A 39 30.15 11.07 0.30
C GLY A 39 28.75 11.62 0.44
N LEU A 40 28.19 11.67 1.65
CA LEU A 40 26.83 12.17 1.84
C LEU A 40 26.73 13.12 3.03
N GLU A 41 27.86 13.70 3.46
CA GLU A 41 27.88 14.61 4.60
C GLU A 41 26.80 15.70 4.49
N LEU A 42 26.61 16.26 3.30
CA LEU A 42 25.71 17.39 3.13
C LEU A 42 24.26 16.98 2.91
N GLY A 43 23.96 15.68 2.90
CA GLY A 43 22.60 15.21 2.71
C GLY A 43 22.23 15.02 1.25
N ALA A 44 21.07 14.38 1.06
CA ALA A 44 20.69 13.96 -0.29
C ALA A 44 20.26 15.13 -1.16
N ASP A 45 19.80 16.23 -0.57
CA ASP A 45 19.34 17.38 -1.32
C ASP A 45 20.46 18.37 -1.65
N SER A 46 21.72 17.99 -1.46
CA SER A 46 22.82 18.88 -1.77
C SER A 46 23.47 18.50 -3.09
N ASP A 47 23.99 19.51 -3.78
CA ASP A 47 24.68 19.31 -5.05
C ASP A 47 26.19 19.29 -4.88
N ASN A 48 26.69 19.51 -3.66
CA ASN A 48 28.11 19.70 -3.40
C ASN A 48 28.76 18.55 -2.65
N ASN A 49 28.11 17.40 -2.53
CA ASN A 49 28.75 16.28 -1.87
C ASN A 49 29.97 15.83 -2.65
N THR A 50 30.95 15.28 -1.94
CA THR A 50 32.13 14.72 -2.54
C THR A 50 32.58 13.51 -1.74
N GLY A 51 33.11 12.51 -2.44
CA GLY A 51 33.62 11.29 -1.83
C GLY A 51 32.69 10.12 -2.05
N GLY A 52 33.10 9.00 -1.51
CA GLY A 52 32.30 7.80 -1.53
C GLY A 52 32.80 6.78 -2.54
N GLN A 53 32.00 5.73 -2.68
CA GLN A 53 32.33 4.59 -3.52
C GLN A 53 31.50 4.66 -4.79
N GLN A 54 32.16 4.68 -5.94
CA GLN A 54 31.47 4.72 -7.21
C GLN A 54 31.70 3.39 -7.93
N ILE A 55 30.61 2.69 -8.25
CA ILE A 55 30.67 1.46 -9.03
C ILE A 55 30.39 1.84 -10.48
N ALA A 56 31.42 1.76 -11.33
CA ALA A 56 31.26 2.10 -12.73
C ALA A 56 30.69 0.90 -13.50
N ARG A 57 30.48 1.10 -14.81
CA ARG A 57 29.99 0.04 -15.67
C ARG A 57 30.90 -1.18 -15.59
N GLY A 58 30.30 -2.36 -15.39
CA GLY A 58 31.05 -3.59 -15.29
C GLY A 58 31.71 -3.84 -13.95
N GLY A 59 31.71 -2.84 -13.04
CA GLY A 59 32.23 -3.06 -11.71
C GLY A 59 31.21 -3.72 -10.79
N THR A 60 31.70 -4.25 -9.68
CA THR A 60 30.84 -4.92 -8.72
C THR A 60 31.35 -4.65 -7.32
N ALA A 61 30.42 -4.48 -6.36
CA ALA A 61 30.74 -4.39 -4.95
C ALA A 61 30.01 -5.49 -4.20
N ARG A 62 30.66 -6.03 -3.18
CA ARG A 62 30.11 -7.16 -2.43
C ARG A 62 30.30 -6.94 -0.93
N ASN A 63 29.26 -7.21 -0.15
CA ASN A 63 29.33 -7.13 1.32
C ASN A 63 29.79 -5.76 1.81
N THR A 64 29.41 -4.70 1.09
CA THR A 64 29.77 -3.33 1.47
C THR A 64 28.99 -2.86 2.70
N ARG A 65 29.66 -2.15 3.61
CA ARG A 65 28.95 -1.43 4.66
C ARG A 65 28.94 0.07 4.35
N VAL A 66 27.76 0.65 4.29
CA VAL A 66 27.60 2.08 4.13
C VAL A 66 27.09 2.61 5.47
N THR A 67 27.88 3.47 6.10
CA THR A 67 27.55 3.97 7.43
C THR A 67 27.21 5.47 7.34
N ALA A 68 27.08 6.12 8.50
CA ALA A 68 26.73 7.53 8.53
C ALA A 68 27.58 8.34 7.56
N ASN A 69 26.94 9.24 6.82
CA ASN A 69 27.60 10.09 5.81
C ASN A 69 28.12 9.30 4.61
N GLY A 70 27.85 7.99 4.52
CA GLY A 70 28.39 7.18 3.45
C GLY A 70 27.51 7.17 2.23
N LEU A 71 28.13 7.20 1.04
CA LEU A 71 27.43 7.11 -0.23
C LEU A 71 28.05 6.04 -1.10
N GLN A 72 27.26 5.01 -1.43
CA GLN A 72 27.59 4.08 -2.51
C GLN A 72 26.80 4.51 -3.75
N ASP A 73 27.51 4.91 -4.80
CA ASP A 73 26.91 5.42 -6.04
C ASP A 73 27.11 4.36 -7.12
N VAL A 74 26.02 3.77 -7.60
CA VAL A 74 26.08 2.67 -8.54
C VAL A 74 25.66 3.19 -9.90
N MET A 75 26.61 3.26 -10.85
CA MET A 75 26.35 3.76 -12.18
C MET A 75 25.67 2.68 -13.03
N ALA A 76 25.08 3.10 -14.15
CA ALA A 76 24.51 2.15 -15.09
C ALA A 76 25.57 1.13 -15.49
N GLY A 77 25.18 -0.15 -15.50
CA GLY A 77 26.10 -1.24 -15.75
C GLY A 77 26.93 -1.68 -14.56
N GLY A 78 26.85 -0.98 -13.42
CA GLY A 78 27.48 -1.46 -12.21
C GLY A 78 26.54 -2.32 -11.38
N SER A 79 27.09 -3.05 -10.41
CA SER A 79 26.30 -3.99 -9.62
C SER A 79 26.81 -4.06 -8.18
N THR A 80 25.89 -4.34 -7.26
CA THR A 80 26.23 -4.60 -5.87
C THR A 80 25.45 -5.80 -5.35
N SER A 81 26.05 -6.50 -4.40
CA SER A 81 25.38 -7.60 -3.71
C SER A 81 25.58 -7.44 -2.21
N ASP A 82 24.49 -7.56 -1.47
CA ASP A 82 24.47 -7.57 -0.01
C ASP A 82 25.13 -6.31 0.58
N THR A 83 24.83 -5.14 0.01
CA THR A 83 25.18 -3.90 0.69
C THR A 83 24.31 -3.73 1.94
N VAL A 84 24.95 -3.47 3.08
CA VAL A 84 24.25 -3.18 4.33
C VAL A 84 24.39 -1.70 4.64
N ILE A 85 23.28 -1.00 4.74
CA ILE A 85 23.27 0.44 4.94
C ILE A 85 22.74 0.72 6.34
N SER A 86 23.51 1.47 7.12
CA SER A 86 23.16 1.75 8.50
C SER A 86 23.16 3.26 8.72
N THR A 87 22.55 3.65 9.84
CA THR A 87 22.70 4.96 10.46
C THR A 87 22.93 6.13 9.50
N GLY A 88 22.01 6.39 8.58
CA GLY A 88 22.16 7.57 7.74
C GLY A 88 23.12 7.46 6.57
N GLY A 89 23.43 6.24 6.13
CA GLY A 89 24.08 6.07 4.84
C GLY A 89 23.05 5.94 3.70
N GLY A 90 23.56 5.91 2.48
CA GLY A 90 22.68 5.85 1.33
C GLY A 90 23.31 5.18 0.14
N GLN A 91 22.47 4.59 -0.70
CA GLN A 91 22.87 4.02 -1.98
C GLN A 91 22.10 4.73 -3.08
N ASN A 92 22.84 5.34 -4.00
CA ASN A 92 22.28 5.99 -5.17
C ASN A 92 22.37 5.01 -6.35
N LEU A 93 21.23 4.56 -6.85
CA LEU A 93 21.18 3.40 -7.73
C LEU A 93 20.77 3.78 -9.15
N ARG A 94 21.71 3.68 -10.09
CA ARG A 94 21.40 3.72 -11.51
C ARG A 94 21.73 2.42 -12.21
N GLY A 95 22.43 1.50 -11.55
CA GLY A 95 22.65 0.16 -12.04
C GLY A 95 21.79 -0.84 -11.31
N LYS A 96 22.38 -1.98 -10.93
CA LYS A 96 21.65 -3.08 -10.34
C LYS A 96 22.14 -3.30 -8.91
N ALA A 97 21.20 -3.52 -7.99
CA ALA A 97 21.53 -3.87 -6.62
C ALA A 97 20.72 -5.10 -6.22
N SER A 98 21.38 -6.03 -5.56
CA SER A 98 20.74 -7.24 -5.05
C SER A 98 21.01 -7.37 -3.56
N GLY A 99 19.94 -7.58 -2.79
CA GLY A 99 20.10 -7.89 -1.38
C GLY A 99 20.47 -6.72 -0.48
N THR A 100 20.23 -5.48 -0.91
CA THR A 100 20.53 -4.34 -0.07
C THR A 100 19.65 -4.36 1.19
N VAL A 101 20.27 -4.16 2.35
CA VAL A 101 19.57 -4.08 3.64
C VAL A 101 19.65 -2.64 4.13
N LEU A 102 18.51 -2.04 4.41
CA LEU A 102 18.40 -0.66 4.89
C LEU A 102 18.06 -0.67 6.37
N ASN A 103 19.07 -0.38 7.21
CA ASN A 103 18.89 -0.28 8.66
C ASN A 103 19.00 1.20 8.98
N ASP A 104 17.89 1.92 8.77
CA ASP A 104 17.91 3.38 8.86
C ASP A 104 18.79 3.99 7.78
N GLY A 105 18.92 3.32 6.65
CA GLY A 105 19.59 3.87 5.49
C GLY A 105 18.61 4.19 4.37
N ASP A 106 19.14 4.87 3.36
CA ASP A 106 18.40 5.27 2.18
C ASP A 106 18.86 4.48 0.96
N GLN A 107 17.91 4.22 0.05
CA GLN A 107 18.23 3.74 -1.28
C GLN A 107 17.38 4.53 -2.27
N TRP A 108 18.03 5.20 -3.20
CA TRP A 108 17.35 5.96 -4.25
C TRP A 108 17.54 5.21 -5.56
N ILE A 109 16.43 4.78 -6.17
CA ILE A 109 16.48 4.08 -7.45
C ILE A 109 16.07 5.07 -8.54
N HIS A 110 17.02 5.45 -9.38
CA HIS A 110 16.79 6.38 -10.48
C HIS A 110 16.34 5.62 -11.72
N ALA A 111 15.95 6.38 -12.76
CA ALA A 111 15.55 5.77 -14.02
C ALA A 111 16.61 4.81 -14.53
N GLY A 112 16.17 3.64 -14.98
CA GLY A 112 17.08 2.60 -15.41
C GLY A 112 17.71 1.80 -14.29
N GLY A 113 17.62 2.26 -13.03
CA GLY A 113 18.11 1.47 -11.93
C GLY A 113 17.15 0.35 -11.55
N ARG A 114 17.70 -0.70 -10.94
CA ARG A 114 16.93 -1.90 -10.62
C ARG A 114 17.43 -2.47 -9.30
N ALA A 115 16.56 -2.54 -8.30
CA ALA A 115 16.90 -3.14 -7.01
C ALA A 115 16.02 -4.37 -6.80
N SER A 116 16.65 -5.52 -6.60
CA SER A 116 15.90 -6.72 -6.27
C SER A 116 16.25 -7.20 -4.87
N GLY A 117 15.23 -7.61 -4.12
CA GLY A 117 15.40 -8.12 -2.77
C GLY A 117 15.87 -7.12 -1.73
N THR A 118 15.53 -5.85 -1.87
CA THR A 118 15.90 -4.92 -0.81
C THR A 118 15.10 -5.23 0.45
N VAL A 119 15.72 -5.07 1.61
CA VAL A 119 15.05 -5.27 2.89
C VAL A 119 15.02 -3.92 3.59
N ILE A 120 13.82 -3.39 3.81
CA ILE A 120 13.65 -2.09 4.44
C ILE A 120 13.35 -2.35 5.92
N ASN A 121 14.38 -2.29 6.75
CA ASN A 121 14.22 -2.49 8.17
C ASN A 121 13.93 -1.13 8.84
N GLN A 122 13.90 -1.11 10.16
CA GLN A 122 13.34 0.01 10.89
C GLN A 122 14.04 1.32 10.53
N ASP A 123 13.24 2.33 10.17
CA ASP A 123 13.64 3.66 9.75
C ASP A 123 14.35 3.68 8.39
N GLY A 124 14.45 2.55 7.70
CA GLY A 124 14.92 2.56 6.33
C GLY A 124 13.95 3.25 5.38
N TYR A 125 14.48 3.64 4.22
CA TYR A 125 13.75 4.50 3.30
C TYR A 125 14.16 4.16 1.88
N GLN A 126 13.24 3.61 1.08
CA GLN A 126 13.49 3.27 -0.31
C GLN A 126 12.62 4.17 -1.20
N THR A 127 13.27 5.01 -2.00
CA THR A 127 12.59 5.91 -2.92
C THR A 127 12.84 5.44 -4.35
N ILE A 128 11.76 5.12 -5.05
CA ILE A 128 11.82 4.67 -6.45
C ILE A 128 11.37 5.82 -7.32
N LYS A 129 12.29 6.40 -8.08
CA LYS A 129 11.94 7.49 -8.98
C LYS A 129 11.28 6.97 -10.24
N HIS A 130 10.63 7.88 -10.96
CA HIS A 130 10.08 7.59 -12.27
C HIS A 130 11.12 6.89 -13.15
N GLY A 131 10.71 5.82 -13.81
CA GLY A 131 11.63 5.01 -14.60
C GLY A 131 12.49 4.04 -13.80
N GLY A 132 12.43 4.08 -12.46
CA GLY A 132 13.12 3.10 -11.65
C GLY A 132 12.27 1.88 -11.37
N LEU A 133 12.92 0.74 -11.09
CA LEU A 133 12.22 -0.53 -10.90
C LEU A 133 12.79 -1.27 -9.69
N VAL A 134 11.91 -1.80 -8.84
CA VAL A 134 12.33 -2.71 -7.78
C VAL A 134 11.47 -3.97 -7.82
N THR A 135 12.08 -5.10 -7.47
CA THR A 135 11.39 -6.37 -7.36
C THR A 135 11.77 -7.06 -6.06
N GLY A 136 10.82 -7.82 -5.51
CA GLY A 136 11.09 -8.63 -4.32
C GLY A 136 11.44 -7.85 -3.08
N THR A 137 10.91 -6.64 -2.93
CA THR A 137 11.23 -5.82 -1.76
C THR A 137 10.47 -6.33 -0.53
N ILE A 138 11.15 -6.33 0.62
CA ILE A 138 10.52 -6.68 1.89
C ILE A 138 10.41 -5.40 2.72
N VAL A 139 9.19 -4.99 3.06
CA VAL A 139 9.02 -3.71 3.76
C VAL A 139 8.62 -3.96 5.20
N ASN A 140 9.48 -3.56 6.15
CA ASN A 140 9.23 -3.80 7.56
C ASN A 140 9.06 -2.51 8.36
N THR A 141 8.98 -1.36 7.71
CA THR A 141 8.95 -0.12 8.47
C THR A 141 8.08 0.91 7.77
N GLY A 142 7.75 1.95 8.52
CA GLY A 142 7.02 3.09 8.03
C GLY A 142 5.62 3.21 8.56
N ALA A 143 5.01 2.12 9.02
CA ALA A 143 3.65 2.16 9.52
C ALA A 143 3.58 1.86 11.02
N GLU A 144 4.68 2.08 11.75
CA GLU A 144 4.68 1.86 13.19
C GLU A 144 3.55 2.64 13.87
N GLY A 145 3.16 3.78 13.31
CA GLY A 145 2.17 4.61 13.96
C GLY A 145 0.73 4.24 13.68
N GLY A 146 0.49 3.20 12.89
CA GLY A 146 -0.86 2.74 12.63
C GLY A 146 -1.59 3.53 11.57
N PRO A 147 -2.89 3.26 11.42
CA PRO A 147 -3.67 3.94 10.37
C PRO A 147 -3.75 5.44 10.55
N ASP A 148 -3.59 5.94 11.77
CA ASP A 148 -3.66 7.38 11.98
C ASP A 148 -2.34 8.08 11.66
N SER A 149 -1.26 7.34 11.45
CA SER A 149 0.02 7.96 11.16
C SER A 149 0.12 8.31 9.68
N GLU A 150 0.51 9.56 9.39
CA GLU A 150 0.73 10.01 8.03
C GLU A 150 2.22 10.11 7.68
N ASN A 151 3.07 9.40 8.42
CA ASN A 151 4.49 9.35 8.12
C ASN A 151 4.73 8.86 6.70
N VAL A 152 5.58 9.58 5.96
CA VAL A 152 6.02 9.13 4.64
C VAL A 152 7.53 9.26 4.54
N SER A 153 8.21 9.39 5.67
CA SER A 153 9.65 9.59 5.65
C SER A 153 10.43 8.31 5.85
N THR A 154 9.75 7.18 6.05
CA THR A 154 10.39 5.86 6.12
C THR A 154 9.47 4.88 5.43
N GLY A 155 10.01 3.71 5.07
CA GLY A 155 9.24 2.78 4.28
C GLY A 155 9.59 2.86 2.80
N GLN A 156 8.64 2.52 1.91
CA GLN A 156 8.89 2.44 0.48
C GLN A 156 8.00 3.46 -0.25
N MET A 157 8.63 4.36 -1.01
CA MET A 157 7.95 5.40 -1.78
C MET A 157 8.08 5.07 -3.25
N VAL A 158 6.94 4.88 -3.93
CA VAL A 158 6.93 4.34 -5.28
C VAL A 158 6.53 5.44 -6.27
N GLY A 159 7.51 5.93 -7.02
CA GLY A 159 7.28 6.83 -8.12
C GLY A 159 7.55 6.15 -9.46
N GLY A 160 8.26 5.03 -9.43
CA GLY A 160 8.44 4.21 -10.62
C GLY A 160 7.57 2.96 -10.54
N ILE A 161 8.19 1.78 -10.58
CA ILE A 161 7.45 0.52 -10.53
C ILE A 161 8.02 -0.38 -9.43
N ALA A 162 7.14 -0.89 -8.56
CA ALA A 162 7.50 -1.90 -7.57
C ALA A 162 6.77 -3.20 -7.89
N GLU A 163 7.53 -4.27 -8.02
CA GLU A 163 6.98 -5.58 -8.34
C GLU A 163 7.27 -6.56 -7.22
N SER A 164 6.27 -7.38 -6.87
CA SER A 164 6.43 -8.47 -5.90
C SER A 164 6.98 -7.96 -4.57
N THR A 165 6.26 -7.02 -4.00
CA THR A 165 6.60 -6.46 -2.69
C THR A 165 5.87 -7.24 -1.59
N THR A 166 6.57 -7.53 -0.50
CA THR A 166 5.95 -8.07 0.69
C THR A 166 5.96 -6.98 1.75
N ILE A 167 4.78 -6.64 2.27
CA ILE A 167 4.65 -5.63 3.31
C ILE A 167 4.25 -6.34 4.60
N ASN A 168 5.19 -6.38 5.54
CA ASN A 168 5.00 -7.03 6.81
C ASN A 168 4.40 -6.05 7.82
N LYS A 169 4.06 -6.57 9.00
CA LYS A 169 3.68 -5.72 10.12
C LYS A 169 4.65 -4.54 10.22
N ASN A 170 4.11 -3.33 10.38
CA ASN A 170 4.83 -2.07 10.51
C ASN A 170 5.32 -1.52 9.16
N GLY A 171 5.12 -2.24 8.05
CA GLY A 171 5.58 -1.78 6.75
C GLY A 171 4.59 -0.84 6.09
N ARG A 172 5.12 0.16 5.39
CA ARG A 172 4.30 1.10 4.65
C ARG A 172 4.86 1.28 3.24
N GLN A 173 4.00 1.11 2.25
CA GLN A 173 4.29 1.48 0.88
C GLN A 173 3.38 2.63 0.47
N VAL A 174 3.94 3.68 -0.10
CA VAL A 174 3.15 4.77 -0.67
C VAL A 174 3.39 4.82 -2.18
N ILE A 175 2.32 4.79 -2.95
CA ILE A 175 2.39 4.89 -4.41
C ILE A 175 1.98 6.30 -4.80
N TRP A 176 2.96 7.09 -5.26
CA TRP A 176 2.68 8.44 -5.68
C TRP A 176 1.96 8.43 -7.02
N SER A 177 1.52 9.61 -7.46
CA SER A 177 0.63 9.68 -8.60
C SER A 177 1.20 9.00 -9.83
N SER A 178 2.51 9.06 -10.03
CA SER A 178 3.11 8.49 -11.22
C SER A 178 3.55 7.04 -11.03
N GLY A 179 3.34 6.45 -9.85
CA GLY A 179 3.88 5.14 -9.52
C GLY A 179 2.92 3.99 -9.77
N ILE A 180 3.50 2.79 -9.79
CA ILE A 180 2.75 1.57 -10.01
C ILE A 180 3.29 0.49 -9.09
N ALA A 181 2.41 -0.17 -8.34
CA ALA A 181 2.78 -1.37 -7.61
C ALA A 181 2.04 -2.56 -8.17
N ARG A 182 2.79 -3.60 -8.53
CA ARG A 182 2.22 -4.83 -9.05
C ARG A 182 2.57 -5.99 -8.12
N ASP A 183 1.55 -6.78 -7.77
CA ASP A 183 1.70 -8.06 -7.08
C ASP A 183 2.26 -7.85 -5.68
N THR A 184 1.48 -7.22 -4.83
CA THR A 184 1.89 -6.86 -3.48
C THR A 184 1.15 -7.76 -2.47
N LEU A 185 1.87 -8.17 -1.43
CA LEU A 185 1.31 -8.97 -0.36
C LEU A 185 1.42 -8.14 0.92
N ILE A 186 0.30 -7.94 1.60
CA ILE A 186 0.23 -7.04 2.76
C ILE A 186 -0.33 -7.80 3.96
N TYR A 187 0.51 -8.01 4.96
CA TYR A 187 0.12 -8.67 6.19
C TYR A 187 -0.48 -7.69 7.20
N THR A 188 -1.10 -8.25 8.24
CA THR A 188 -1.65 -7.47 9.34
C THR A 188 -0.64 -6.45 9.84
N GLY A 189 -1.09 -5.20 10.04
CA GLY A 189 -0.17 -4.17 10.48
C GLY A 189 0.63 -3.51 9.37
N GLY A 190 0.52 -3.97 8.13
CA GLY A 190 1.14 -3.30 7.01
C GLY A 190 0.11 -2.52 6.21
N ASP A 191 0.56 -1.50 5.48
CA ASP A 191 -0.40 -0.76 4.69
C ASP A 191 0.23 -0.26 3.41
N GLN A 192 -0.65 -0.01 2.43
CA GLN A 192 -0.33 0.53 1.12
C GLN A 192 -1.27 1.68 0.86
N THR A 193 -0.74 2.83 0.44
CA THR A 193 -1.52 4.00 0.09
C THR A 193 -1.41 4.26 -1.41
N VAL A 194 -2.55 4.36 -2.09
CA VAL A 194 -2.56 4.41 -3.55
C VAL A 194 -2.98 5.80 -3.98
N HIS A 195 -2.01 6.57 -4.48
CA HIS A 195 -2.28 7.74 -5.30
C HIS A 195 -2.12 7.44 -6.78
N GLY A 196 -1.24 6.50 -7.13
CA GLY A 196 -1.05 6.05 -8.49
C GLY A 196 -1.88 4.83 -8.82
N GLU A 197 -1.24 3.71 -9.10
CA GLU A 197 -1.94 2.49 -9.46
C GLU A 197 -1.38 1.30 -8.72
N ALA A 198 -2.27 0.38 -8.33
CA ALA A 198 -1.92 -0.89 -7.75
C ALA A 198 -2.67 -1.99 -8.47
N HIS A 199 -1.97 -3.07 -8.83
CA HIS A 199 -2.57 -4.18 -9.56
C HIS A 199 -2.16 -5.48 -8.90
N ASN A 200 -3.14 -6.30 -8.54
CA ASN A 200 -2.90 -7.59 -7.89
C ASN A 200 -2.33 -7.38 -6.48
N THR A 201 -3.19 -7.02 -5.54
CA THR A 201 -2.78 -6.78 -4.16
C THR A 201 -3.52 -7.76 -3.26
N ARG A 202 -2.78 -8.47 -2.41
CA ARG A 202 -3.40 -9.44 -1.52
C ARG A 202 -3.34 -8.90 -0.09
N LEU A 203 -4.50 -8.65 0.51
CA LEU A 203 -4.60 -8.19 1.90
C LEU A 203 -4.75 -9.39 2.82
N GLU A 204 -3.62 -9.92 3.26
CA GLU A 204 -3.60 -10.99 4.25
C GLU A 204 -3.59 -10.40 5.66
N GLY A 205 -4.63 -9.63 5.96
CA GLY A 205 -4.72 -8.86 7.20
C GLY A 205 -4.39 -7.39 7.07
N GLY A 206 -3.63 -7.00 6.03
CA GLY A 206 -3.20 -5.61 5.89
C GLY A 206 -4.25 -4.70 5.24
N ASN A 207 -3.86 -3.43 5.05
CA ASN A 207 -4.75 -2.36 4.64
C ASN A 207 -4.27 -1.74 3.34
N GLN A 208 -5.22 -1.38 2.49
CA GLN A 208 -4.96 -0.64 1.26
C GLN A 208 -5.86 0.58 1.27
N TYR A 209 -5.26 1.76 1.18
CA TYR A 209 -6.01 3.01 1.18
C TYR A 209 -5.93 3.61 -0.22
N VAL A 210 -7.07 3.74 -0.88
CA VAL A 210 -7.11 4.28 -2.24
C VAL A 210 -7.52 5.74 -2.15
N HIS A 211 -6.57 6.63 -2.39
CA HIS A 211 -6.82 8.06 -2.28
C HIS A 211 -7.35 8.61 -3.60
N LYS A 212 -7.68 9.89 -3.59
CA LYS A 212 -8.18 10.59 -4.77
C LYS A 212 -7.31 10.37 -5.99
N TYR A 213 -7.94 9.99 -7.10
CA TYR A 213 -7.29 9.65 -8.38
C TYR A 213 -6.58 8.31 -8.33
N GLY A 214 -6.50 7.67 -7.17
CA GLY A 214 -5.84 6.38 -7.12
C GLY A 214 -6.69 5.28 -7.74
N LEU A 215 -6.02 4.27 -8.28
CA LEU A 215 -6.69 3.13 -8.90
C LEU A 215 -6.11 1.84 -8.34
N ALA A 216 -6.96 1.01 -7.75
CA ALA A 216 -6.58 -0.30 -7.23
C ALA A 216 -7.32 -1.37 -8.04
N LEU A 217 -6.58 -2.23 -8.71
CA LEU A 217 -7.15 -3.30 -9.50
C LEU A 217 -6.86 -4.66 -8.89
N ASN A 218 -7.88 -5.53 -8.84
CA ASN A 218 -7.70 -6.93 -8.46
C ASN A 218 -7.18 -7.08 -7.02
N THR A 219 -7.72 -6.30 -6.09
CA THR A 219 -7.36 -6.48 -4.68
C THR A 219 -8.17 -7.64 -4.10
N VAL A 220 -7.48 -8.60 -3.47
CA VAL A 220 -8.12 -9.70 -2.76
C VAL A 220 -8.04 -9.42 -1.26
N ILE A 221 -9.19 -9.37 -0.59
CA ILE A 221 -9.28 -9.00 0.83
C ILE A 221 -9.55 -10.25 1.63
N ASN A 222 -8.56 -10.77 2.32
CA ASN A 222 -8.75 -11.95 3.15
C ASN A 222 -8.99 -11.53 4.61
N GLU A 223 -9.12 -12.52 5.50
CA GLU A 223 -9.43 -12.26 6.89
C GLU A 223 -8.60 -11.12 7.48
N GLY A 224 -9.29 -10.15 8.09
CA GLY A 224 -8.65 -9.01 8.70
C GLY A 224 -8.27 -7.91 7.74
N GLY A 225 -8.24 -8.16 6.42
CA GLY A 225 -7.85 -7.13 5.48
C GLY A 225 -8.87 -6.02 5.34
N TRP A 226 -8.39 -4.88 4.86
CA TRP A 226 -9.19 -3.67 4.78
C TRP A 226 -8.78 -2.88 3.54
N GLN A 227 -9.68 -2.76 2.58
CA GLN A 227 -9.53 -1.87 1.45
C GLN A 227 -10.46 -0.70 1.67
N VAL A 228 -9.91 0.50 1.73
CA VAL A 228 -10.68 1.72 1.92
C VAL A 228 -10.58 2.55 0.65
N VAL A 229 -11.71 2.98 0.11
CA VAL A 229 -11.73 3.80 -1.09
C VAL A 229 -12.24 5.18 -0.70
N LYS A 230 -11.35 6.18 -0.72
CA LYS A 230 -11.73 7.54 -0.40
C LYS A 230 -12.46 8.20 -1.56
N ALA A 231 -12.99 9.40 -1.30
CA ALA A 231 -13.62 10.18 -2.35
C ALA A 231 -12.65 10.39 -3.51
N GLY A 232 -13.12 10.12 -4.74
CA GLY A 232 -12.28 10.24 -5.91
C GLY A 232 -11.37 9.07 -6.18
N GLY A 233 -11.34 8.07 -5.29
CA GLY A 233 -10.55 6.88 -5.53
C GLY A 233 -11.36 5.82 -6.24
N THR A 234 -10.68 4.85 -6.83
CA THR A 234 -11.37 3.81 -7.59
C THR A 234 -10.80 2.43 -7.29
N ALA A 235 -11.67 1.47 -7.01
CA ALA A 235 -11.27 0.07 -6.91
C ALA A 235 -12.02 -0.75 -7.95
N GLY A 236 -11.27 -1.54 -8.73
CA GLY A 236 -11.86 -2.40 -9.73
C GLY A 236 -11.57 -3.86 -9.43
N ASN A 237 -12.61 -4.71 -9.51
CA ASN A 237 -12.44 -6.16 -9.43
C ASN A 237 -11.90 -6.60 -8.08
N THR A 238 -12.47 -6.04 -7.02
CA THR A 238 -12.13 -6.44 -5.65
C THR A 238 -12.82 -7.74 -5.30
N THR A 239 -12.12 -8.61 -4.59
CA THR A 239 -12.73 -9.78 -3.96
C THR A 239 -12.76 -9.58 -2.45
N ILE A 240 -13.95 -9.66 -1.85
CA ILE A 240 -14.11 -9.57 -0.41
C ILE A 240 -14.32 -10.99 0.11
N ASN A 241 -13.33 -11.54 0.77
CA ASN A 241 -13.50 -12.86 1.35
C ASN A 241 -13.93 -12.74 2.80
N GLN A 242 -14.13 -13.90 3.43
CA GLN A 242 -14.69 -13.97 4.76
C GLN A 242 -13.82 -13.20 5.75
N ASN A 243 -14.46 -12.33 6.53
CA ASN A 243 -13.82 -11.51 7.56
C ASN A 243 -12.93 -10.42 6.97
N GLY A 244 -13.06 -10.13 5.66
CA GLY A 244 -12.45 -8.96 5.06
C GLY A 244 -13.48 -7.86 4.91
N GLU A 245 -13.01 -6.62 4.70
CA GLU A 245 -13.91 -5.48 4.57
C GLU A 245 -13.49 -4.57 3.43
N LEU A 246 -14.45 -4.23 2.58
CA LEU A 246 -14.32 -3.15 1.62
C LEU A 246 -15.15 -1.96 2.12
N ARG A 247 -14.50 -0.81 2.29
CA ARG A 247 -15.17 0.40 2.72
C ARG A 247 -15.03 1.44 1.62
N VAL A 248 -16.15 1.96 1.14
CA VAL A 248 -16.18 2.95 0.06
C VAL A 248 -16.88 4.20 0.58
N HIS A 249 -16.13 5.30 0.69
CA HIS A 249 -16.65 6.56 1.17
C HIS A 249 -17.48 7.27 0.09
N ALA A 250 -18.26 8.25 0.53
CA ALA A 250 -19.00 9.09 -0.40
C ALA A 250 -18.05 9.64 -1.46
N GLY A 251 -18.47 9.57 -2.72
CA GLY A 251 -17.61 9.98 -3.81
C GLY A 251 -16.55 8.98 -4.22
N GLY A 252 -16.45 7.85 -3.53
CA GLY A 252 -15.56 6.80 -3.97
C GLY A 252 -16.27 5.80 -4.87
N GLU A 253 -15.49 4.99 -5.59
CA GLU A 253 -16.08 4.05 -6.54
C GLU A 253 -15.46 2.67 -6.40
N ALA A 254 -16.30 1.64 -6.36
CA ALA A 254 -15.85 0.26 -6.44
C ALA A 254 -16.72 -0.48 -7.45
N SER A 255 -16.10 -1.01 -8.50
CA SER A 255 -16.84 -1.68 -9.56
C SER A 255 -16.42 -3.13 -9.66
N ASP A 256 -17.36 -3.97 -10.11
CA ASP A 256 -17.12 -5.41 -10.30
C ASP A 256 -16.60 -6.06 -9.01
N VAL A 257 -17.24 -5.72 -7.89
CA VAL A 257 -16.89 -6.32 -6.60
C VAL A 257 -17.41 -7.76 -6.57
N THR A 258 -16.59 -8.67 -6.09
CA THR A 258 -17.04 -10.03 -5.79
C THR A 258 -17.11 -10.13 -4.27
N GLN A 259 -18.32 -10.10 -3.73
CA GLN A 259 -18.53 -10.10 -2.28
C GLN A 259 -18.90 -11.53 -1.87
N ASN A 260 -17.91 -12.26 -1.39
CA ASN A 260 -18.15 -13.64 -1.00
C ASN A 260 -18.80 -13.68 0.39
N THR A 261 -19.28 -14.86 0.76
CA THR A 261 -20.02 -14.99 2.02
C THR A 261 -19.13 -14.62 3.19
N GLY A 262 -19.70 -13.88 4.13
CA GLY A 262 -18.95 -13.37 5.25
C GLY A 262 -18.10 -12.16 4.95
N GLY A 263 -18.13 -11.64 3.71
CA GLY A 263 -17.42 -10.42 3.41
C GLY A 263 -18.24 -9.20 3.77
N ALA A 264 -17.57 -8.21 4.35
CA ALA A 264 -18.21 -6.98 4.81
C ALA A 264 -18.05 -5.88 3.78
N LEU A 265 -19.18 -5.27 3.39
CA LEU A 265 -19.18 -4.05 2.59
C LEU A 265 -19.69 -2.92 3.46
N VAL A 266 -18.94 -1.83 3.52
CA VAL A 266 -19.28 -0.67 4.34
C VAL A 266 -19.30 0.54 3.42
N THR A 267 -20.49 1.09 3.19
CA THR A 267 -20.61 2.23 2.29
C THR A 267 -21.91 2.98 2.57
N SER A 268 -22.16 4.00 1.75
CA SER A 268 -23.35 4.81 1.83
C SER A 268 -23.90 5.00 0.43
N THR A 269 -25.09 5.57 0.35
CA THR A 269 -25.73 5.80 -0.93
C THR A 269 -25.13 6.99 -1.67
N ALA A 270 -24.09 7.62 -1.12
CA ALA A 270 -23.33 8.65 -1.81
C ALA A 270 -22.08 8.09 -2.48
N ALA A 271 -21.85 6.78 -2.36
CA ALA A 271 -20.77 6.10 -3.05
C ALA A 271 -21.30 5.42 -4.31
N THR A 272 -20.38 4.90 -5.12
CA THR A 272 -20.72 4.11 -6.31
C THR A 272 -20.11 2.71 -6.19
N VAL A 273 -20.97 1.69 -6.06
CA VAL A 273 -20.52 0.32 -5.88
C VAL A 273 -21.37 -0.60 -6.75
N THR A 274 -20.71 -1.46 -7.52
CA THR A 274 -21.38 -2.50 -8.27
C THR A 274 -20.65 -3.83 -8.09
N GLY A 275 -21.41 -4.92 -8.15
CA GLY A 275 -20.81 -6.24 -8.13
C GLY A 275 -21.83 -7.32 -7.89
N THR A 276 -21.37 -8.44 -7.35
CA THR A 276 -22.19 -9.61 -7.08
C THR A 276 -21.95 -10.09 -5.66
N ASN A 277 -23.01 -10.52 -4.99
CA ASN A 277 -22.89 -11.15 -3.67
C ASN A 277 -23.67 -12.46 -3.66
N ARG A 278 -23.85 -13.06 -2.48
CA ARG A 278 -24.44 -14.39 -2.46
C ARG A 278 -25.92 -14.41 -2.82
N LEU A 279 -26.51 -13.26 -3.10
CA LEU A 279 -27.85 -13.13 -3.62
C LEU A 279 -27.89 -12.52 -5.02
N GLY A 280 -26.75 -12.32 -5.65
CA GLY A 280 -26.70 -11.93 -7.04
C GLY A 280 -26.13 -10.54 -7.25
N ALA A 281 -26.49 -9.96 -8.38
CA ALA A 281 -26.02 -8.62 -8.71
C ALA A 281 -26.58 -7.60 -7.72
N PHE A 282 -25.74 -6.66 -7.32
CA PHE A 282 -26.13 -5.58 -6.44
C PHE A 282 -25.48 -4.30 -6.93
N SER A 283 -26.06 -3.17 -6.55
CA SER A 283 -25.51 -1.90 -6.99
C SER A 283 -25.90 -0.82 -5.99
N VAL A 284 -24.99 0.14 -5.84
CA VAL A 284 -25.24 1.40 -5.15
C VAL A 284 -24.84 2.47 -6.16
N VAL A 285 -25.82 3.00 -6.86
CA VAL A 285 -25.57 3.84 -8.03
C VAL A 285 -26.54 5.01 -8.02
N GLU A 286 -25.99 6.23 -8.10
CA GLU A 286 -26.79 7.44 -8.19
C GLU A 286 -27.83 7.54 -7.09
N GLY A 287 -27.43 7.19 -5.86
CA GLY A 287 -28.30 7.32 -4.70
C GLY A 287 -29.32 6.21 -4.51
N LYS A 288 -29.19 5.10 -5.24
CA LYS A 288 -30.12 3.98 -5.18
C LYS A 288 -29.34 2.70 -4.94
N ALA A 289 -29.59 2.05 -3.80
CA ALA A 289 -29.00 0.77 -3.51
C ALA A 289 -30.00 -0.34 -3.83
N ASP A 290 -29.51 -1.43 -4.43
CA ASP A 290 -30.38 -2.57 -4.63
C ASP A 290 -29.64 -3.86 -4.29
N ASN A 291 -30.26 -4.67 -3.44
CA ASN A 291 -29.85 -6.06 -3.19
C ASN A 291 -28.51 -6.12 -2.45
N VAL A 292 -28.21 -5.08 -1.66
CA VAL A 292 -27.01 -5.09 -0.84
C VAL A 292 -27.14 -6.14 0.25
N VAL A 293 -26.03 -6.83 0.55
CA VAL A 293 -25.97 -7.84 1.61
C VAL A 293 -25.03 -7.32 2.70
N LEU A 294 -25.55 -7.20 3.92
CA LEU A 294 -24.79 -6.63 5.04
C LEU A 294 -24.63 -7.71 6.11
N GLU A 295 -23.39 -8.07 6.39
CA GLU A 295 -23.10 -9.08 7.39
C GLU A 295 -21.66 -8.93 7.84
N ASN A 296 -21.36 -9.46 9.03
CA ASN A 296 -19.99 -9.59 9.48
C ASN A 296 -19.25 -8.26 9.46
N GLY A 297 -19.91 -7.19 9.90
CA GLY A 297 -19.35 -5.86 9.87
C GLY A 297 -19.87 -4.97 8.75
N GLY A 298 -20.60 -5.51 7.78
CA GLY A 298 -21.09 -4.70 6.69
C GLY A 298 -22.07 -3.63 7.16
N ARG A 299 -22.07 -2.51 6.44
CA ARG A 299 -22.93 -1.41 6.83
C ARG A 299 -23.29 -0.55 5.62
N LEU A 300 -24.56 -0.15 5.53
CA LEU A 300 -25.02 0.76 4.48
C LEU A 300 -25.77 1.91 5.14
N ASP A 301 -25.31 3.13 4.89
CA ASP A 301 -26.02 4.34 5.30
C ASP A 301 -26.85 4.87 4.13
N VAL A 302 -28.16 4.98 4.32
CA VAL A 302 -29.07 5.52 3.32
C VAL A 302 -29.34 6.98 3.67
N LEU A 303 -28.83 7.89 2.85
CA LEU A 303 -28.84 9.31 3.14
C LEU A 303 -30.13 9.97 2.69
N SER A 304 -30.30 11.23 3.09
CA SER A 304 -31.50 11.96 2.77
C SER A 304 -31.70 12.07 1.26
N GLY A 305 -32.91 11.74 0.79
CA GLY A 305 -33.21 11.70 -0.63
C GLY A 305 -32.85 10.40 -1.33
N HIS A 306 -32.19 9.46 -0.65
CA HIS A 306 -31.75 8.22 -1.27
C HIS A 306 -32.62 7.04 -0.82
N THR A 307 -32.49 5.95 -1.57
CA THR A 307 -33.35 4.78 -1.40
C THR A 307 -32.49 3.53 -1.42
N ALA A 308 -32.94 2.51 -0.70
CA ALA A 308 -32.38 1.16 -0.76
C ALA A 308 -33.52 0.18 -0.85
N THR A 309 -33.41 -0.79 -1.77
CA THR A 309 -34.42 -1.82 -1.91
C THR A 309 -33.75 -3.19 -1.80
N ARG A 310 -34.48 -4.12 -1.18
CA ARG A 310 -34.10 -5.53 -1.11
C ARG A 310 -32.75 -5.70 -0.41
N THR A 311 -32.57 -5.00 0.72
CA THR A 311 -31.36 -5.12 1.52
C THR A 311 -31.50 -6.32 2.45
N LEU A 312 -30.52 -7.19 2.48
CA LEU A 312 -30.48 -8.28 3.45
C LEU A 312 -29.54 -7.88 4.58
N VAL A 313 -30.08 -7.73 5.78
CA VAL A 313 -29.31 -7.38 6.98
C VAL A 313 -29.16 -8.65 7.81
N ASP A 314 -28.05 -9.33 7.62
CA ASP A 314 -27.82 -10.61 8.27
C ASP A 314 -26.90 -10.40 9.46
N ASP A 315 -26.42 -11.49 10.06
CA ASP A 315 -25.69 -11.41 11.33
C ASP A 315 -24.47 -10.50 11.20
N GLY A 316 -24.36 -9.54 12.13
CA GLY A 316 -23.29 -8.57 12.08
C GLY A 316 -23.45 -7.47 11.04
N GLY A 317 -24.60 -7.38 10.38
CA GLY A 317 -24.84 -6.30 9.44
C GLY A 317 -25.60 -5.15 10.08
N THR A 318 -25.39 -3.94 9.55
CA THR A 318 -26.09 -2.76 10.03
C THR A 318 -26.63 -1.96 8.85
N LEU A 319 -27.94 -1.72 8.86
CA LEU A 319 -28.57 -0.78 7.93
C LEU A 319 -28.96 0.47 8.70
N ASP A 320 -28.52 1.63 8.21
CA ASP A 320 -28.68 2.90 8.91
C ASP A 320 -29.37 3.88 7.97
N VAL A 321 -30.64 4.17 8.24
CA VAL A 321 -31.45 5.01 7.37
C VAL A 321 -31.61 6.37 8.05
N ARG A 322 -31.15 7.42 7.38
CA ARG A 322 -31.15 8.75 7.95
C ARG A 322 -32.50 9.43 7.72
N ASN A 323 -32.65 10.60 8.35
CA ASN A 323 -33.78 11.48 8.05
C ASN A 323 -33.85 11.72 6.54
N GLY A 324 -35.02 11.44 5.94
CA GLY A 324 -35.20 11.62 4.52
C GLY A 324 -34.79 10.44 3.65
N GLY A 325 -34.21 9.38 4.25
CA GLY A 325 -33.92 8.18 3.50
C GLY A 325 -35.04 7.15 3.56
N THR A 326 -35.05 6.25 2.59
CA THR A 326 -36.10 5.24 2.41
C THR A 326 -35.47 3.88 2.19
N ALA A 327 -35.96 2.86 2.89
CA ALA A 327 -35.52 1.49 2.65
C ALA A 327 -36.75 0.59 2.62
N THR A 328 -36.94 -0.13 1.52
CA THR A 328 -38.10 -0.99 1.37
C THR A 328 -37.63 -2.40 1.07
N ALA A 329 -38.53 -3.37 1.27
CA ALA A 329 -38.19 -4.79 1.15
C ALA A 329 -36.91 -5.13 1.91
N VAL A 330 -36.72 -4.49 3.06
CA VAL A 330 -35.62 -4.86 3.95
C VAL A 330 -35.89 -6.25 4.50
N SER A 331 -34.89 -7.12 4.46
CA SER A 331 -35.01 -8.45 5.05
C SER A 331 -34.03 -8.57 6.21
N MET A 332 -34.56 -8.68 7.43
CA MET A 332 -33.76 -8.74 8.65
C MET A 332 -33.46 -10.18 9.02
N GLY A 333 -32.19 -10.53 9.03
CA GLY A 333 -31.75 -11.80 9.58
C GLY A 333 -31.42 -11.70 11.06
N ASN A 334 -31.13 -12.86 11.65
CA ASN A 334 -30.77 -12.90 13.07
C ASN A 334 -29.40 -12.25 13.29
N GLY A 335 -29.32 -11.37 14.29
CA GLY A 335 -28.13 -10.61 14.54
C GLY A 335 -28.00 -9.36 13.68
N GLY A 336 -28.91 -9.14 12.74
CA GLY A 336 -28.88 -7.92 11.97
C GLY A 336 -29.47 -6.76 12.73
N VAL A 337 -28.96 -5.56 12.43
CA VAL A 337 -29.35 -4.35 13.13
C VAL A 337 -29.87 -3.33 12.14
N LEU A 338 -30.95 -2.66 12.50
CA LEU A 338 -31.51 -1.57 11.73
C LEU A 338 -31.53 -0.32 12.61
N LEU A 339 -30.97 0.78 12.10
CA LEU A 339 -31.06 2.08 12.74
C LEU A 339 -31.88 2.98 11.84
N ALA A 340 -32.91 3.59 12.41
CA ALA A 340 -33.79 4.48 11.65
C ALA A 340 -33.92 5.78 12.41
N ASP A 341 -33.45 6.87 11.81
CA ASP A 341 -33.58 8.16 12.45
C ASP A 341 -35.03 8.62 12.32
N SER A 342 -35.33 9.78 12.89
CA SER A 342 -36.73 10.24 12.97
C SER A 342 -37.40 10.26 11.59
N GLY A 343 -36.84 11.01 10.66
CA GLY A 343 -37.49 11.19 9.37
C GLY A 343 -37.34 10.05 8.37
N ALA A 344 -36.95 8.88 8.85
CA ALA A 344 -36.67 7.75 7.97
C ALA A 344 -37.94 6.93 7.72
N ALA A 345 -38.03 6.38 6.51
CA ALA A 345 -39.11 5.47 6.13
C ALA A 345 -38.50 4.11 5.83
N VAL A 346 -38.92 3.10 6.60
CA VAL A 346 -38.34 1.76 6.49
C VAL A 346 -39.45 0.72 6.53
N SER A 347 -39.36 -0.27 5.65
CA SER A 347 -40.33 -1.36 5.65
C SER A 347 -39.65 -2.64 5.21
N GLY A 348 -40.11 -3.76 5.74
CA GLY A 348 -39.55 -5.03 5.36
C GLY A 348 -40.16 -6.15 6.15
N THR A 349 -39.42 -7.26 6.22
CA THR A 349 -39.80 -8.44 6.98
C THR A 349 -38.61 -8.87 7.81
N ARG A 350 -38.87 -9.49 8.94
CA ARG A 350 -37.77 -9.82 9.82
C ARG A 350 -37.50 -11.32 9.83
N SER A 351 -36.56 -11.71 10.70
CA SER A 351 -36.17 -13.09 10.96
C SER A 351 -37.36 -14.03 10.91
N ASP A 352 -38.49 -13.55 11.43
CA ASP A 352 -39.66 -14.37 11.72
C ASP A 352 -40.54 -14.60 10.50
N GLY A 353 -40.20 -14.01 9.36
CA GLY A 353 -41.13 -13.88 8.25
C GLY A 353 -42.19 -12.82 8.46
N THR A 354 -42.21 -12.18 9.62
CA THR A 354 -43.22 -11.19 10.00
C THR A 354 -42.85 -9.79 9.51
N ALA A 355 -43.88 -9.02 9.15
CA ALA A 355 -43.71 -7.72 8.53
C ALA A 355 -43.49 -6.62 9.58
N PHE A 356 -42.78 -5.57 9.17
CA PHE A 356 -42.60 -4.40 10.02
C PHE A 356 -42.52 -3.16 9.15
N ARG A 357 -42.89 -2.03 9.73
CA ARG A 357 -42.86 -0.75 9.03
C ARG A 357 -42.54 0.34 10.03
N ILE A 358 -41.75 1.32 9.58
CA ILE A 358 -41.32 2.45 10.40
C ILE A 358 -41.50 3.72 9.57
N GLY A 359 -42.16 4.72 10.15
CA GLY A 359 -42.38 5.99 9.50
C GLY A 359 -43.66 6.03 8.67
N ASP A 364 -35.86 3.30 16.95
CA ASP A 364 -34.64 3.95 16.49
C ASP A 364 -33.62 2.85 16.17
N ALA A 365 -33.38 1.96 17.12
CA ALA A 365 -32.60 0.75 16.87
C ALA A 365 -33.54 -0.44 16.86
N LEU A 366 -33.33 -1.37 15.92
CA LEU A 366 -34.18 -2.55 15.82
C LEU A 366 -33.33 -3.81 15.71
N MET A 367 -33.57 -4.75 16.62
CA MET A 367 -33.00 -6.10 16.60
C MET A 367 -31.49 -6.02 16.66
C1 GOL B . 4.22 -12.30 -4.86
O1 GOL B . 2.88 -11.82 -4.74
C2 GOL B . 4.62 -12.83 -3.49
O2 GOL B . 5.97 -13.12 -3.35
C3 GOL B . 4.25 -11.71 -2.52
O3 GOL B . 4.62 -10.49 -3.15
H11 GOL B . 4.31 -13.00 -5.53
H12 GOL B . 4.84 -11.60 -5.13
HO1 GOL B . 2.41 -12.49 -4.49
H2 GOL B . 4.14 -13.67 -3.35
HO2 GOL B . 6.21 -12.88 -2.56
H31 GOL B . 4.70 -11.87 -1.67
H32 GOL B . 3.30 -11.76 -2.32
HO3 GOL B . 5.48 -10.44 -3.11
C1 GOL C . 20.69 12.07 -3.88
O1 GOL C . 19.89 11.39 -4.81
C2 GOL C . 22.18 11.86 -4.27
O2 GOL C . 22.76 10.80 -3.62
C3 GOL C . 22.80 13.21 -3.87
O3 GOL C . 24.13 13.20 -4.28
H11 GOL C . 20.56 11.74 -2.97
H12 GOL C . 20.50 13.02 -3.86
HO1 GOL C . 19.12 11.32 -4.45
H2 GOL C . 22.28 11.67 -5.22
HO2 GOL C . 23.58 10.81 -3.82
H31 GOL C . 22.70 13.32 -2.92
H32 GOL C . 22.28 13.93 -4.28
HO3 GOL C . 24.50 13.89 -3.94
C1 GOL D . -2.15 7.56 5.34
O1 GOL D . -2.13 6.18 5.64
C2 GOL D . -1.15 7.75 4.19
O2 GOL D . -0.98 9.06 3.84
C3 GOL D . 0.16 7.14 4.72
O3 GOL D . 1.13 8.16 4.67
H11 GOL D . -1.90 8.12 6.09
H12 GOL D . -3.03 7.86 5.05
HO1 GOL D . -2.91 5.97 5.88
H2 GOL D . -1.47 7.29 3.39
HO2 GOL D . -1.55 9.24 3.24
H31 GOL D . 0.39 6.37 4.18
H32 GOL D . 0.01 6.79 5.61
HO3 GOL D . 1.88 7.80 4.84
C1 GOL E . -18.35 5.99 5.96
O1 GOL E . -17.47 6.97 5.51
C2 GOL E . -19.09 5.40 4.76
O2 GOL E . -20.04 6.26 4.28
C3 GOL E . -19.63 4.08 5.32
O3 GOL E . -20.53 4.41 6.34
H11 GOL E . -19.00 6.34 6.59
H12 GOL E . -17.89 5.28 6.42
HO1 GOL E . -17.32 7.50 6.18
H2 GOL E . -18.52 5.24 3.98
HO2 GOL E . -19.64 6.91 3.93
H31 GOL E . -18.88 3.55 5.62
H32 GOL E . -20.04 3.57 4.60
HO3 GOL E . -21.23 4.71 5.97
#